data_9OB8
#
_entry.id   9OB8
#
_cell.length_a   32.837
_cell.length_b   53.744
_cell.length_c   74.844
_cell.angle_alpha   90.000
_cell.angle_beta   90.000
_cell.angle_gamma   90.000
#
_symmetry.space_group_name_H-M   'P 21 21 21'
#
loop_
_entity.id
_entity.type
_entity.pdbx_description
1 polymer 'Fatty acid-binding protein, adipocyte'
2 non-polymer '8-ANILINO-1-NAPHTHALENE SULFONATE'
3 non-polymer 'SULFATE ION'
4 water water
#
_entity_poly.entity_id   1
_entity_poly.type   'polypeptide(L)'
_entity_poly.pdbx_seq_one_letter_code
;GHMCDAFVGTWKLVSSENFDDYMKEVGVGFATRKVAGMAKPNMIISVNGDVITIKSESTFKNTEISFILGQEFDEVTADD
RKVKSTITLDGGVLVHVQKWDGKSTTIKRKREDDKLVVECVMKGVTSTRVYERA
;
_entity_poly.pdbx_strand_id   A
#
loop_
_chem_comp.id
_chem_comp.type
_chem_comp.name
_chem_comp.formula
2AN non-polymer '8-ANILINO-1-NAPHTHALENE SULFONATE' 'C16 H13 N O3 S'
SO4 non-polymer 'SULFATE ION' 'O4 S -2'
#
# COMPACT_ATOMS: atom_id res chain seq x y z
N GLY A 1 -15.39 -11.62 15.28
CA GLY A 1 -15.21 -10.68 14.18
C GLY A 1 -14.50 -9.41 14.62
N HIS A 2 -14.07 -8.60 13.64
CA HIS A 2 -13.27 -7.43 13.93
C HIS A 2 -13.46 -6.39 12.83
N MET A 3 -12.81 -5.24 13.01
CA MET A 3 -12.99 -4.11 12.11
C MET A 3 -12.56 -4.47 10.69
N CYS A 4 -11.39 -5.06 10.55
CA CYS A 4 -10.77 -5.31 9.26
C CYS A 4 -11.41 -6.47 8.51
N ASP A 5 -12.60 -6.91 8.92
CA ASP A 5 -13.16 -8.14 8.36
C ASP A 5 -13.34 -8.02 6.85
N ALA A 6 -13.75 -6.84 6.36
CA ALA A 6 -13.95 -6.65 4.93
C ALA A 6 -12.65 -6.44 4.15
N PHE A 7 -11.52 -6.31 4.82
CA PHE A 7 -10.24 -6.20 4.13
C PHE A 7 -9.56 -7.55 3.96
N VAL A 8 -9.87 -8.53 4.82
CA VAL A 8 -9.10 -9.75 4.85
C VAL A 8 -9.33 -10.57 3.58
N GLY A 9 -8.26 -11.11 3.03
CA GLY A 9 -8.37 -11.95 1.85
C GLY A 9 -7.24 -11.69 0.88
N THR A 10 -7.36 -12.30 -0.30
CA THR A 10 -6.40 -12.15 -1.38
C THR A 10 -7.03 -11.29 -2.46
N TRP A 11 -6.30 -10.25 -2.87
CA TRP A 11 -6.79 -9.25 -3.80
C TRP A 11 -5.80 -9.16 -4.96
N LYS A 12 -6.31 -8.98 -6.18
CA LYS A 12 -5.50 -8.86 -7.37
C LYS A 12 -5.66 -7.47 -7.99
N LEU A 13 -4.55 -6.90 -8.45
CA LEU A 13 -4.61 -5.55 -9.04
C LEU A 13 -5.35 -5.62 -10.37
N VAL A 14 -6.38 -4.79 -10.53
CA VAL A 14 -7.15 -4.76 -11.77
C VAL A 14 -7.01 -3.45 -12.54
N SER A 15 -6.63 -2.34 -11.91
CA SER A 15 -6.35 -1.12 -12.66
C SER A 15 -5.40 -0.24 -11.88
N SER A 16 -4.70 0.63 -12.61
CA SER A 16 -3.77 1.58 -12.04
C SER A 16 -3.94 2.89 -12.80
N GLU A 17 -3.87 4.00 -12.08
CA GLU A 17 -3.86 5.32 -12.72
C GLU A 17 -2.82 6.20 -12.06
N ASN A 18 -1.98 6.83 -12.88
N ASN A 18 -2.00 6.86 -12.88
CA ASN A 18 -1.02 7.86 -12.45
CA ASN A 18 -1.01 7.85 -12.44
C ASN A 18 0.12 7.31 -11.61
C ASN A 18 0.06 7.28 -11.52
N PHE A 19 0.35 5.98 -11.60
CA PHE A 19 1.34 5.40 -10.71
C PHE A 19 2.75 5.86 -11.07
N ASP A 20 3.04 6.01 -12.36
CA ASP A 20 4.36 6.50 -12.73
C ASP A 20 4.61 7.89 -12.18
N ASP A 21 3.65 8.81 -12.32
CA ASP A 21 3.79 10.13 -11.75
C ASP A 21 3.92 10.11 -10.24
N TYR A 22 3.16 9.24 -9.57
CA TYR A 22 3.31 9.11 -8.12
C TYR A 22 4.72 8.64 -7.76
N MET A 23 5.23 7.64 -8.47
CA MET A 23 6.57 7.13 -8.19
C MET A 23 7.63 8.21 -8.43
N LYS A 24 7.46 9.02 -9.48
CA LYS A 24 8.39 10.11 -9.72
C LYS A 24 8.42 11.06 -8.53
N GLU A 25 7.23 11.39 -8.01
CA GLU A 25 7.16 12.31 -6.88
C GLU A 25 7.82 11.72 -5.65
N VAL A 26 7.71 10.40 -5.47
CA VAL A 26 8.35 9.73 -4.34
C VAL A 26 9.86 9.76 -4.49
N GLY A 27 10.36 9.82 -5.73
CA GLY A 27 11.78 9.81 -5.99
C GLY A 27 12.31 8.53 -6.60
N VAL A 28 11.44 7.65 -7.09
CA VAL A 28 11.87 6.39 -7.65
C VAL A 28 12.59 6.64 -8.97
N GLY A 29 13.71 5.94 -9.17
CA GLY A 29 14.47 6.10 -10.40
C GLY A 29 13.86 5.38 -11.60
N PHE A 30 14.42 5.70 -12.78
CA PHE A 30 13.83 5.26 -14.05
C PHE A 30 13.64 3.74 -14.11
N ALA A 31 14.72 2.98 -13.89
CA ALA A 31 14.65 1.53 -14.09
C ALA A 31 13.65 0.89 -13.14
N THR A 32 13.66 1.30 -11.86
CA THR A 32 12.68 0.76 -10.92
C THR A 32 11.26 1.15 -11.31
N ARG A 33 11.06 2.39 -11.78
CA ARG A 33 9.72 2.80 -12.20
C ARG A 33 9.20 1.93 -13.34
N LYS A 34 10.06 1.61 -14.30
CA LYS A 34 9.63 0.84 -15.46
C LYS A 34 9.23 -0.57 -15.06
N VAL A 35 10.10 -1.23 -14.28
CA VAL A 35 9.85 -2.61 -13.90
C VAL A 35 8.72 -2.68 -12.88
N ALA A 36 8.73 -1.81 -11.87
CA ALA A 36 7.65 -1.81 -10.89
C ALA A 36 6.31 -1.48 -11.52
N GLY A 37 6.28 -0.57 -12.49
CA GLY A 37 5.03 -0.20 -13.11
C GLY A 37 4.40 -1.31 -13.92
N MET A 38 5.22 -2.23 -14.44
CA MET A 38 4.72 -3.38 -15.18
C MET A 38 4.00 -4.37 -14.27
N ALA A 39 4.30 -4.35 -12.98
CA ALA A 39 3.89 -5.46 -12.13
C ALA A 39 2.40 -5.43 -11.87
N LYS A 40 1.84 -6.62 -11.66
CA LYS A 40 0.43 -6.81 -11.35
C LYS A 40 0.34 -7.53 -10.01
N PRO A 41 0.62 -6.84 -8.92
CA PRO A 41 0.76 -7.52 -7.63
C PRO A 41 -0.55 -8.01 -7.09
N ASN A 42 -0.44 -9.03 -6.27
CA ASN A 42 -1.53 -9.41 -5.37
C ASN A 42 -1.29 -8.75 -4.02
N MET A 43 -2.36 -8.61 -3.26
CA MET A 43 -2.29 -8.08 -1.90
C MET A 43 -3.01 -9.08 -1.02
N ILE A 44 -2.34 -9.60 -0.01
CA ILE A 44 -2.91 -10.58 0.90
C ILE A 44 -2.97 -9.98 2.29
N ILE A 45 -4.18 -9.80 2.81
CA ILE A 45 -4.41 -9.14 4.09
C ILE A 45 -4.96 -10.18 5.06
N SER A 46 -4.35 -10.26 6.24
CA SER A 46 -4.82 -11.17 7.27
C SER A 46 -4.68 -10.49 8.62
N VAL A 47 -5.42 -11.01 9.60
CA VAL A 47 -5.46 -10.47 10.95
C VAL A 47 -5.34 -11.62 11.92
N ASN A 48 -4.47 -11.46 12.91
CA ASN A 48 -4.34 -12.43 14.00
C ASN A 48 -4.27 -11.62 15.28
N GLY A 49 -5.34 -11.61 16.05
CA GLY A 49 -5.39 -10.76 17.23
C GLY A 49 -5.35 -9.29 16.84
N ASP A 50 -4.41 -8.55 17.42
CA ASP A 50 -4.22 -7.15 17.09
C ASP A 50 -3.23 -6.95 15.95
N VAL A 51 -2.65 -8.01 15.43
CA VAL A 51 -1.61 -7.89 14.42
C VAL A 51 -2.21 -8.05 13.04
N ILE A 52 -2.05 -7.02 12.21
CA ILE A 52 -2.45 -7.04 10.82
C ILE A 52 -1.23 -7.31 9.96
N THR A 53 -1.37 -8.21 8.98
CA THR A 53 -0.30 -8.49 8.02
C THR A 53 -0.80 -8.18 6.62
N ILE A 54 -0.02 -7.40 5.88
CA ILE A 54 -0.27 -7.12 4.47
C ILE A 54 0.94 -7.61 3.68
N LYS A 55 0.72 -8.59 2.81
CA LYS A 55 1.74 -9.10 1.91
C LYS A 55 1.43 -8.65 0.49
N SER A 56 2.48 -8.37 -0.26
CA SER A 56 2.33 -8.05 -1.68
C SER A 56 3.27 -8.99 -2.42
N GLU A 57 2.71 -9.82 -3.29
CA GLU A 57 3.47 -10.75 -4.12
C GLU A 57 3.41 -10.30 -5.57
N SER A 58 4.57 -10.22 -6.21
CA SER A 58 4.62 -9.81 -7.61
C SER A 58 5.91 -10.33 -8.23
N THR A 59 5.97 -10.24 -9.55
CA THR A 59 7.19 -10.55 -10.26
C THR A 59 8.30 -9.54 -9.98
N PHE A 60 7.95 -8.35 -9.51
CA PHE A 60 8.96 -7.33 -9.18
C PHE A 60 9.61 -7.63 -7.83
N LYS A 61 8.82 -7.56 -6.76
CA LYS A 61 9.31 -7.95 -5.44
C LYS A 61 8.15 -8.49 -4.62
N ASN A 62 8.52 -9.29 -3.62
CA ASN A 62 7.59 -9.79 -2.61
C ASN A 62 7.91 -9.06 -1.30
N THR A 63 6.92 -8.39 -0.74
CA THR A 63 7.07 -7.64 0.50
C THR A 63 6.00 -8.07 1.47
N GLU A 64 6.23 -7.79 2.76
CA GLU A 64 5.28 -8.14 3.81
C GLU A 64 5.51 -7.19 4.97
N ILE A 65 4.42 -6.64 5.51
CA ILE A 65 4.49 -5.86 6.74
C ILE A 65 3.49 -6.45 7.73
N SER A 66 3.87 -6.47 9.00
CA SER A 66 2.98 -6.80 10.10
C SER A 66 3.03 -5.66 11.11
N PHE A 67 1.87 -5.30 11.66
CA PHE A 67 1.83 -4.09 12.47
C PHE A 67 0.59 -4.10 13.36
N ILE A 68 0.64 -3.24 14.35
CA ILE A 68 -0.50 -2.96 15.23
C ILE A 68 -0.93 -1.53 14.94
N LEU A 69 -2.25 -1.30 14.86
CA LEU A 69 -2.73 0.04 14.53
C LEU A 69 -2.20 1.07 15.53
N GLY A 70 -1.71 2.19 15.00
CA GLY A 70 -1.25 3.30 15.81
C GLY A 70 0.17 3.18 16.31
N GLN A 71 0.87 2.09 16.00
CA GLN A 71 2.20 1.81 16.55
C GLN A 71 3.24 1.81 15.43
N GLU A 72 4.17 2.76 15.51
CA GLU A 72 5.13 2.97 14.44
C GLU A 72 6.06 1.75 14.28
N PHE A 73 6.42 1.47 13.03
CA PHE A 73 7.31 0.35 12.72
C PHE A 73 8.24 0.72 11.57
N ASP A 74 9.31 -0.07 11.44
CA ASP A 74 10.22 0.05 10.30
C ASP A 74 9.69 -0.73 9.11
N GLU A 75 9.83 -0.11 7.94
CA GLU A 75 9.42 -0.74 6.69
C GLU A 75 10.49 -0.46 5.64
N VAL A 76 10.89 -1.50 4.93
CA VAL A 76 11.69 -1.35 3.72
C VAL A 76 10.74 -1.57 2.56
N THR A 77 10.49 -0.51 1.79
CA THR A 77 9.48 -0.55 0.76
C THR A 77 9.98 -1.31 -0.48
N ALA A 78 9.06 -1.56 -1.41
CA ALA A 78 9.43 -2.30 -2.62
C ALA A 78 10.50 -1.59 -3.43
N ASP A 79 10.51 -0.25 -3.39
CA ASP A 79 11.54 0.53 -4.07
C ASP A 79 12.75 0.83 -3.18
N ASP A 80 12.90 0.10 -2.07
CA ASP A 80 14.10 0.15 -1.22
C ASP A 80 14.24 1.46 -0.45
N ARG A 81 13.13 2.09 -0.08
CA ARG A 81 13.17 3.17 0.88
C ARG A 81 13.08 2.56 2.27
N LYS A 82 13.89 3.07 3.20
CA LYS A 82 13.81 2.69 4.61
C LYS A 82 12.96 3.77 5.27
N VAL A 83 11.71 3.42 5.59
CA VAL A 83 10.76 4.41 6.08
C VAL A 83 10.28 4.02 7.48
N LYS A 84 9.78 5.03 8.19
CA LYS A 84 9.07 4.83 9.45
C LYS A 84 7.59 4.95 9.16
N SER A 85 6.83 3.89 9.46
CA SER A 85 5.43 3.80 9.07
C SER A 85 4.50 3.75 10.28
N THR A 86 3.35 4.40 10.16
CA THR A 86 2.28 4.29 11.16
C THR A 86 0.97 4.09 10.41
N ILE A 87 0.24 3.04 10.77
CA ILE A 87 -1.03 2.72 10.11
C ILE A 87 -2.14 2.79 11.14
N THR A 88 -3.21 3.52 10.82
CA THR A 88 -4.37 3.68 11.69
C THR A 88 -5.63 3.41 10.88
N LEU A 89 -6.75 3.21 11.58
CA LEU A 89 -8.06 3.08 10.97
C LEU A 89 -8.83 4.36 11.23
N ASP A 90 -9.12 5.12 10.17
CA ASP A 90 -9.83 6.39 10.30
C ASP A 90 -11.15 6.26 9.54
N GLY A 91 -12.26 6.23 10.28
CA GLY A 91 -13.55 6.14 9.63
C GLY A 91 -13.67 4.98 8.65
N GLY A 92 -13.11 3.83 9.01
CA GLY A 92 -13.21 2.66 8.14
C GLY A 92 -12.13 2.55 7.08
N VAL A 93 -11.22 3.51 6.99
CA VAL A 93 -10.17 3.53 5.98
C VAL A 93 -8.84 3.27 6.67
N LEU A 94 -8.05 2.34 6.13
CA LEU A 94 -6.69 2.15 6.64
C LEU A 94 -5.81 3.25 6.08
N VAL A 95 -5.20 4.04 6.97
CA VAL A 95 -4.36 5.18 6.59
C VAL A 95 -2.93 4.85 6.97
N HIS A 96 -2.04 4.82 5.99
CA HIS A 96 -0.66 4.36 6.16
C HIS A 96 0.24 5.54 5.79
N VAL A 97 0.93 6.11 6.79
CA VAL A 97 1.86 7.21 6.57
C VAL A 97 3.27 6.67 6.63
N GLN A 98 4.09 7.01 5.63
CA GLN A 98 5.50 6.66 5.58
C GLN A 98 6.35 7.93 5.64
N LYS A 99 7.32 7.95 6.55
CA LYS A 99 8.25 9.06 6.70
C LYS A 99 9.67 8.61 6.40
N TRP A 100 10.39 9.38 5.59
CA TRP A 100 11.78 9.08 5.32
C TRP A 100 12.44 10.31 4.71
N ASP A 101 13.70 10.57 5.09
CA ASP A 101 14.50 11.65 4.49
C ASP A 101 13.79 13.00 4.53
N GLY A 102 13.02 13.24 5.58
CA GLY A 102 12.24 14.44 5.69
C GLY A 102 11.00 14.49 4.82
N LYS A 103 10.69 13.42 4.09
CA LYS A 103 9.55 13.37 3.20
C LYS A 103 8.42 12.54 3.82
N SER A 104 7.26 12.57 3.18
CA SER A 104 6.11 11.84 3.70
C SER A 104 5.20 11.49 2.54
N THR A 105 4.61 10.29 2.60
CA THR A 105 3.58 9.88 1.66
C THR A 105 2.53 9.10 2.45
N THR A 106 1.29 9.18 1.98
CA THR A 106 0.17 8.51 2.64
C THR A 106 -0.53 7.58 1.65
N ILE A 107 -0.75 6.34 2.09
CA ILE A 107 -1.45 5.32 1.31
C ILE A 107 -2.72 5.00 2.07
N LYS A 108 -3.87 5.19 1.43
CA LYS A 108 -5.16 4.88 2.02
C LYS A 108 -5.74 3.65 1.34
N ARG A 109 -6.30 2.74 2.12
CA ARG A 109 -6.88 1.51 1.60
C ARG A 109 -8.32 1.43 2.11
N LYS A 110 -9.29 1.28 1.21
CA LYS A 110 -10.69 1.24 1.63
C LYS A 110 -11.47 0.29 0.73
N ARG A 111 -12.57 -0.23 1.28
CA ARG A 111 -13.51 -1.04 0.52
C ARG A 111 -14.54 -0.14 -0.16
N GLU A 112 -14.77 -0.39 -1.44
CA GLU A 112 -15.78 0.33 -2.21
C GLU A 112 -16.41 -0.69 -3.15
N ASP A 113 -17.67 -1.02 -2.89
CA ASP A 113 -18.37 -2.07 -3.64
C ASP A 113 -17.54 -3.35 -3.47
N ASP A 114 -17.28 -4.11 -4.53
CA ASP A 114 -16.43 -5.30 -4.44
C ASP A 114 -14.96 -5.01 -4.64
N LYS A 115 -14.56 -3.75 -4.59
CA LYS A 115 -13.16 -3.38 -4.81
C LYS A 115 -12.49 -3.01 -3.49
N LEU A 116 -11.18 -3.23 -3.45
CA LEU A 116 -10.31 -2.60 -2.48
C LEU A 116 -9.55 -1.52 -3.24
N VAL A 117 -9.80 -0.26 -2.87
CA VAL A 117 -9.23 0.90 -3.56
C VAL A 117 -8.07 1.43 -2.75
N VAL A 118 -6.90 1.55 -3.38
CA VAL A 118 -5.67 2.03 -2.75
C VAL A 118 -5.30 3.37 -3.38
N GLU A 119 -5.27 4.42 -2.56
CA GLU A 119 -4.95 5.76 -3.02
C GLU A 119 -3.61 6.14 -2.42
N CYS A 120 -2.62 6.39 -3.28
CA CYS A 120 -1.27 6.76 -2.85
C CYS A 120 -1.06 8.24 -3.15
N VAL A 121 -0.70 9.02 -2.13
CA VAL A 121 -0.63 10.48 -2.26
C VAL A 121 0.74 10.98 -1.84
N MET A 122 1.36 11.81 -2.67
CA MET A 122 2.63 12.48 -2.41
C MET A 122 2.51 13.88 -2.98
N LYS A 123 2.56 14.90 -2.11
CA LYS A 123 2.58 16.31 -2.54
C LYS A 123 1.67 16.60 -3.72
N GLY A 124 0.38 16.40 -3.52
CA GLY A 124 -0.56 16.78 -4.56
C GLY A 124 -0.69 15.83 -5.73
N VAL A 125 0.14 14.77 -5.79
CA VAL A 125 0.04 13.77 -6.84
C VAL A 125 -0.58 12.51 -6.24
N THR A 126 -1.64 12.02 -6.86
CA THR A 126 -2.35 10.84 -6.40
C THR A 126 -2.27 9.74 -7.44
N SER A 127 -2.05 8.50 -6.99
CA SER A 127 -2.25 7.33 -7.84
C SER A 127 -3.33 6.45 -7.22
N THR A 128 -4.27 5.98 -8.05
CA THR A 128 -5.33 5.08 -7.59
C THR A 128 -5.08 3.70 -8.17
N ARG A 129 -4.97 2.71 -7.30
CA ARG A 129 -4.79 1.33 -7.70
C ARG A 129 -5.93 0.49 -7.14
N VAL A 130 -6.66 -0.15 -8.04
CA VAL A 130 -7.90 -0.83 -7.70
C VAL A 130 -7.66 -2.31 -7.71
N TYR A 131 -8.10 -3.00 -6.65
CA TYR A 131 -7.99 -4.45 -6.52
C TYR A 131 -9.37 -5.09 -6.41
N GLU A 132 -9.48 -6.33 -6.85
CA GLU A 132 -10.69 -7.11 -6.65
C GLU A 132 -10.28 -8.46 -6.09
N ARG A 133 -11.24 -9.18 -5.50
CA ARG A 133 -10.92 -10.46 -4.88
C ARG A 133 -10.37 -11.43 -5.91
N ALA A 134 -9.36 -12.20 -5.52
CA ALA A 134 -8.78 -13.21 -6.40
C ALA A 134 -9.71 -14.41 -6.55
C1 2AN B . 6.24 0.00 -5.40
C2 2AN B . 7.27 -0.16 -6.33
C3 2AN B . 8.10 0.89 -6.71
C4 2AN B . 7.90 2.12 -6.17
C5 2AN B . 6.88 2.34 -5.23
C6 2AN B . 6.74 3.64 -4.70
C7 2AN B . 5.78 3.91 -3.80
C8 2AN B . 4.91 2.90 -3.38
N 2AN B . 5.46 -1.11 -5.09
S 2AN B . 3.75 0.51 -3.15
C9 2AN B . 5.00 1.62 -3.85
C10 2AN B . 6.02 1.28 -4.81
C11 2AN B . 5.20 -2.17 -5.93
C12 2AN B . 5.31 -3.46 -5.39
C13 2AN B . 5.06 -4.58 -6.17
C14 2AN B . 4.72 -4.44 -7.49
C15 2AN B . 4.62 -3.17 -8.05
C16 2AN B . 4.86 -2.04 -7.29
O1 2AN B . 2.87 0.15 -4.27
O2 2AN B . 4.47 -0.66 -2.54
O3 2AN B . 3.08 1.31 -2.11
S SO4 C . 0.16 3.72 -14.46
O1 SO4 C . 1.27 4.64 -14.32
O2 SO4 C . 0.65 2.34 -14.44
O3 SO4 C . -0.78 3.92 -13.35
O4 SO4 C . -0.52 3.97 -15.74
S SO4 D . -17.30 -9.26 0.27
O1 SO4 D . -16.45 -8.71 1.33
O2 SO4 D . -16.49 -10.06 -0.64
O3 SO4 D . -18.32 -10.09 0.90
O4 SO4 D . -17.93 -8.18 -0.49
#